data_7AI4
#
_entry.id   7AI4
#
_cell.length_a   123.220
_cell.length_b   55.820
_cell.length_c   103.570
_cell.angle_alpha   90.000
_cell.angle_beta   108.510
_cell.angle_gamma   90.000
#
_symmetry.space_group_name_H-M   'C 1 2 1'
#
_entity_poly.entity_id   1
_entity_poly.type   'polypeptide(L)'
_entity_poly.pdbx_seq_one_letter_code
;MRSETMSYYHHHHHHDYDIPTTENLYFQGAMGYEIPARLRTLHNLVIQYASQGRYEVAVPLCKQALEDLEKTSGHDHPDV
ATMLNILALVYRDQNKYKDAANLLNDALAIREKTLGKDHPAVAATLNNLAVLYGKRGKYKEAEPLCKRALEIREKVLGKD
HPDVAKQLNNLALLCQNQGKYEEVEYYYQRALEIYQTKLGPDDPNVAKTKNNLASCYLKQGKFKQAETLYKEILTRAHER
EFGSGGGGSDSPTVTTTLKNLGALYRRQGKFEAAETLEEAAMRSRKQGLDNVH
;
_entity_poly.pdbx_strand_id   A,B
#
# COMPACT_ATOMS: atom_id res chain seq x y z
N GLU A 34 -5.19 12.70 9.99
CA GLU A 34 -4.03 13.21 9.23
C GLU A 34 -2.91 12.16 9.12
N ILE A 35 -2.74 11.57 7.92
CA ILE A 35 -1.74 10.52 7.62
C ILE A 35 -1.05 10.96 6.33
N PRO A 36 0.29 10.90 6.25
CA PRO A 36 0.97 11.34 5.01
C PRO A 36 0.64 10.50 3.78
N ALA A 37 1.05 10.98 2.61
CA ALA A 37 0.80 10.27 1.36
C ALA A 37 1.55 8.96 1.28
N ARG A 38 2.83 8.91 1.71
CA ARG A 38 3.60 7.66 1.62
C ARG A 38 3.11 6.55 2.58
N LEU A 39 2.32 6.93 3.58
CA LEU A 39 1.78 5.94 4.52
C LEU A 39 0.30 5.72 4.37
N ARG A 40 -0.39 6.37 3.42
CA ARG A 40 -1.83 6.18 3.26
C ARG A 40 -2.18 4.70 2.99
N THR A 41 -1.58 4.10 1.95
CA THR A 41 -1.80 2.71 1.56
C THR A 41 -1.36 1.69 2.60
N LEU A 42 -0.20 1.91 3.26
CA LEU A 42 0.31 1.02 4.30
C LEU A 42 -0.69 0.96 5.45
N HIS A 43 -1.20 2.11 5.87
CA HIS A 43 -2.15 2.25 6.97
C HIS A 43 -3.45 1.54 6.64
N ASN A 44 -3.93 1.69 5.42
CA ASN A 44 -5.17 1.05 4.98
C ASN A 44 -5.07 -0.45 5.07
N LEU A 45 -4.13 -1.08 4.32
CA LEU A 45 -3.94 -2.53 4.24
C LEU A 45 -3.63 -3.21 5.57
N VAL A 46 -2.87 -2.55 6.42
CA VAL A 46 -2.57 -3.11 7.74
C VAL A 46 -3.84 -3.11 8.57
N ILE A 47 -4.58 -1.99 8.59
CA ILE A 47 -5.84 -1.89 9.35
C ILE A 47 -6.98 -2.76 8.76
N GLN A 48 -6.78 -3.33 7.56
CA GLN A 48 -7.71 -4.28 6.95
C GLN A 48 -7.31 -5.70 7.35
N TYR A 49 -6.00 -6.00 7.33
CA TYR A 49 -5.49 -7.30 7.77
C TYR A 49 -5.77 -7.47 9.27
N ALA A 50 -5.64 -6.39 10.06
CA ALA A 50 -5.89 -6.44 11.49
C ALA A 50 -7.37 -6.73 11.72
N SER A 51 -8.27 -6.05 10.98
CA SER A 51 -9.71 -6.24 11.12
C SER A 51 -10.12 -7.67 10.84
N GLN A 52 -9.44 -8.33 9.91
CA GLN A 52 -9.76 -9.72 9.58
C GLN A 52 -9.09 -10.77 10.46
N GLY A 53 -8.38 -10.37 11.49
CA GLY A 53 -7.68 -11.31 12.35
C GLY A 53 -6.37 -11.84 11.80
N ARG A 54 -5.88 -11.24 10.71
CA ARG A 54 -4.65 -11.61 10.04
C ARG A 54 -3.46 -10.83 10.59
N TYR A 55 -3.19 -10.97 11.90
CA TYR A 55 -2.09 -10.31 12.61
C TYR A 55 -0.73 -10.81 12.14
N GLU A 56 -0.62 -12.10 11.84
CA GLU A 56 0.62 -12.75 11.38
C GLU A 56 1.17 -12.21 10.05
N VAL A 57 0.39 -11.35 9.37
CA VAL A 57 0.73 -10.72 8.11
C VAL A 57 0.87 -9.23 8.34
N ALA A 58 -0.07 -8.63 9.09
CA ALA A 58 -0.09 -7.21 9.43
C ALA A 58 1.14 -6.81 10.24
N VAL A 59 1.50 -7.57 11.28
CA VAL A 59 2.64 -7.28 12.14
C VAL A 59 3.94 -7.20 11.31
N PRO A 60 4.33 -8.21 10.51
CA PRO A 60 5.57 -8.05 9.70
C PRO A 60 5.53 -6.89 8.69
N LEU A 61 4.34 -6.53 8.16
CA LEU A 61 4.21 -5.39 7.23
C LEU A 61 4.64 -4.12 7.94
N CYS A 62 4.19 -3.93 9.19
CA CYS A 62 4.51 -2.77 10.00
C CYS A 62 5.96 -2.70 10.30
N LYS A 63 6.51 -3.81 10.74
CA LYS A 63 7.91 -3.89 11.11
C LYS A 63 8.82 -3.65 9.92
N GLN A 64 8.40 -4.08 8.71
CA GLN A 64 9.20 -3.86 7.49
C GLN A 64 9.10 -2.43 7.04
N ALA A 65 7.91 -1.85 7.10
CA ALA A 65 7.71 -0.46 6.72
C ALA A 65 8.41 0.46 7.70
N LEU A 66 8.46 0.10 8.98
CA LEU A 66 9.19 0.86 9.99
C LEU A 66 10.69 0.76 9.73
N GLU A 67 11.19 -0.42 9.33
CA GLU A 67 12.59 -0.72 9.02
C GLU A 67 13.08 0.18 7.86
N ASP A 68 12.28 0.21 6.78
CA ASP A 68 12.49 0.99 5.56
C ASP A 68 12.42 2.50 5.84
N LEU A 69 11.52 2.93 6.73
CA LEU A 69 11.33 4.31 7.13
C LEU A 69 12.49 4.75 7.98
N GLU A 70 12.98 3.91 8.90
CA GLU A 70 14.10 4.29 9.77
C GLU A 70 15.35 4.44 8.90
N LYS A 71 15.63 3.44 8.07
CA LYS A 71 16.77 3.48 7.14
C LYS A 71 16.80 4.80 6.31
N THR A 72 15.65 5.18 5.75
CA THR A 72 15.44 6.30 4.82
C THR A 72 15.20 7.71 5.48
N SER A 73 14.66 7.78 6.71
CA SER A 73 14.36 9.07 7.36
C SER A 73 14.74 9.16 8.86
N GLY A 74 15.47 8.21 9.39
CA GLY A 74 15.87 8.19 10.80
C GLY A 74 14.78 7.77 11.78
N HIS A 75 15.12 7.62 13.07
CA HIS A 75 14.13 7.24 14.08
C HIS A 75 13.16 8.38 14.42
N ASP A 76 13.66 9.59 14.69
CA ASP A 76 12.79 10.70 15.06
C ASP A 76 12.22 11.42 13.87
N HIS A 77 11.24 10.82 13.24
CA HIS A 77 10.56 11.42 12.10
C HIS A 77 9.07 11.22 12.32
N PRO A 78 8.25 12.25 12.06
CA PRO A 78 6.80 12.09 12.21
C PRO A 78 6.19 10.86 11.52
N ASP A 79 6.84 10.32 10.47
CA ASP A 79 6.33 9.13 9.78
C ASP A 79 6.62 7.85 10.48
N VAL A 80 7.66 7.81 11.33
CA VAL A 80 8.00 6.65 12.12
C VAL A 80 6.98 6.52 13.24
N ALA A 81 6.58 7.64 13.87
CA ALA A 81 5.58 7.65 14.93
C ALA A 81 4.20 7.21 14.47
N THR A 82 3.85 7.46 13.18
CA THR A 82 2.59 7.05 12.55
C THR A 82 2.56 5.53 12.45
N MET A 83 3.67 4.87 12.01
CA MET A 83 3.79 3.40 11.93
C MET A 83 3.87 2.74 13.30
N LEU A 84 4.48 3.41 14.28
CA LEU A 84 4.50 2.89 15.65
C LEU A 84 3.06 2.96 16.20
N ASN A 85 2.29 4.01 15.83
CA ASN A 85 0.90 4.20 16.23
C ASN A 85 0.01 3.18 15.55
N ILE A 86 0.33 2.76 14.29
CA ILE A 86 -0.44 1.75 13.55
C ILE A 86 -0.18 0.36 14.16
N LEU A 87 1.08 0.05 14.46
CA LEU A 87 1.46 -1.22 15.08
C LEU A 87 0.90 -1.32 16.48
N ALA A 88 0.84 -0.22 17.25
CA ALA A 88 0.20 -0.25 18.57
C ALA A 88 -1.29 -0.61 18.47
N LEU A 89 -1.96 -0.31 17.36
CA LEU A 89 -3.35 -0.68 17.19
C LEU A 89 -3.42 -2.18 16.89
N VAL A 90 -2.53 -2.72 16.00
CA VAL A 90 -2.46 -4.16 15.72
C VAL A 90 -2.22 -4.95 17.02
N TYR A 91 -1.35 -4.41 17.88
CA TYR A 91 -1.04 -5.05 19.15
C TYR A 91 -2.21 -4.97 20.11
N ARG A 92 -3.04 -3.93 20.05
CA ARG A 92 -4.21 -3.78 20.93
C ARG A 92 -5.23 -4.87 20.63
N ASP A 93 -5.43 -5.20 19.35
CA ASP A 93 -6.34 -6.26 18.89
C ASP A 93 -5.86 -7.62 19.40
N GLN A 94 -4.54 -7.84 19.35
CA GLN A 94 -3.93 -9.05 19.87
C GLN A 94 -3.92 -9.13 21.40
N ASN A 95 -4.38 -8.09 22.10
CA ASN A 95 -4.40 -7.94 23.56
C ASN A 95 -2.99 -7.80 24.14
N LYS A 96 -2.02 -7.30 23.36
CA LYS A 96 -0.65 -7.10 23.80
C LYS A 96 -0.58 -5.65 24.22
N TYR A 97 -1.33 -5.29 25.27
CA TYR A 97 -1.50 -3.94 25.81
C TYR A 97 -0.25 -3.27 26.28
N LYS A 98 0.70 -4.00 26.91
CA LYS A 98 1.96 -3.36 27.32
C LYS A 98 2.76 -2.95 26.11
N ASP A 99 2.80 -3.80 25.08
CA ASP A 99 3.50 -3.49 23.84
C ASP A 99 2.84 -2.34 23.07
N ALA A 100 1.52 -2.17 23.16
CA ALA A 100 0.83 -1.04 22.52
C ALA A 100 1.18 0.21 23.31
N ALA A 101 1.16 0.16 24.66
CA ALA A 101 1.55 1.29 25.50
C ALA A 101 2.96 1.71 25.21
N ASN A 102 3.88 0.76 24.96
CA ASN A 102 5.25 1.10 24.66
C ASN A 102 5.40 1.80 23.37
N LEU A 103 4.73 1.35 22.31
CA LEU A 103 4.79 1.98 21.02
C LEU A 103 4.09 3.31 20.99
N LEU A 104 3.05 3.50 21.80
CA LEU A 104 2.36 4.79 21.86
C LEU A 104 3.20 5.80 22.63
N ASN A 105 3.93 5.37 23.65
CA ASN A 105 4.84 6.25 24.37
C ASN A 105 6.05 6.58 23.50
N ASP A 106 6.43 5.68 22.57
CA ASP A 106 7.54 5.86 21.62
C ASP A 106 7.14 6.88 20.59
N ALA A 107 5.90 6.80 20.07
CA ALA A 107 5.36 7.73 19.09
C ALA A 107 5.15 9.08 19.69
N LEU A 108 4.56 9.18 20.92
CA LEU A 108 4.32 10.47 21.62
C LEU A 108 5.59 11.27 21.75
N ALA A 109 6.73 10.63 22.05
CA ALA A 109 8.05 11.27 22.16
C ALA A 109 8.59 11.80 20.81
N ILE A 110 8.38 11.06 19.72
CA ILE A 110 8.81 11.48 18.39
C ILE A 110 7.93 12.69 17.97
N ARG A 111 6.66 12.74 18.39
CA ARG A 111 5.77 13.83 18.04
C ARG A 111 6.02 15.06 18.85
N GLU A 112 6.31 14.99 20.15
CA GLU A 112 6.63 16.21 20.93
C GLU A 112 7.96 16.82 20.45
N LYS A 113 8.88 15.97 20.04
CA LYS A 113 10.17 16.39 19.55
C LYS A 113 9.96 17.06 18.19
N THR A 114 9.50 16.31 17.17
CA THR A 114 9.35 16.78 15.79
C THR A 114 8.15 17.67 15.47
N LEU A 115 7.08 17.67 16.26
CA LEU A 115 5.89 18.48 15.95
C LEU A 115 5.54 19.50 17.05
N GLY A 116 5.89 19.20 18.30
CA GLY A 116 5.58 20.08 19.41
C GLY A 116 4.50 19.60 20.37
N LYS A 117 4.65 19.92 21.65
CA LYS A 117 3.76 19.48 22.73
C LYS A 117 2.30 19.90 22.62
N ASP A 118 1.94 20.70 21.62
CA ASP A 118 0.58 21.20 21.41
C ASP A 118 0.04 20.94 20.00
N HIS A 119 0.53 19.91 19.35
CA HIS A 119 0.11 19.57 18.00
C HIS A 119 -1.10 18.60 18.03
N PRO A 120 -2.01 18.73 17.06
CA PRO A 120 -3.15 17.82 17.00
C PRO A 120 -2.78 16.34 17.02
N ALA A 121 -1.57 16.00 16.55
CA ALA A 121 -1.04 14.65 16.52
C ALA A 121 -0.60 14.15 17.89
N VAL A 122 -0.29 15.03 18.85
CA VAL A 122 0.13 14.67 20.22
C VAL A 122 -1.13 14.34 21.05
N ALA A 123 -2.24 15.08 20.84
CA ALA A 123 -3.51 14.79 21.48
C ALA A 123 -4.02 13.44 20.99
N ALA A 124 -3.86 13.14 19.69
CA ALA A 124 -4.26 11.85 19.14
C ALA A 124 -3.56 10.70 19.83
N THR A 125 -2.24 10.79 20.07
CA THR A 125 -1.50 9.68 20.73
C THR A 125 -1.79 9.67 22.23
N LEU A 126 -2.04 10.86 22.85
CA LEU A 126 -2.35 10.97 24.28
C LEU A 126 -3.71 10.33 24.55
N ASN A 127 -4.67 10.47 23.63
CA ASN A 127 -5.99 9.88 23.73
C ASN A 127 -5.92 8.38 23.54
N ASN A 128 -5.06 7.88 22.62
CA ASN A 128 -4.90 6.44 22.45
C ASN A 128 -4.33 5.81 23.73
N LEU A 129 -3.41 6.52 24.39
CA LEU A 129 -2.81 6.04 25.62
C LEU A 129 -3.82 6.10 26.76
N ALA A 130 -4.67 7.15 26.81
CA ALA A 130 -5.70 7.31 27.84
C ALA A 130 -6.77 6.25 27.67
N VAL A 131 -7.17 5.93 26.44
CA VAL A 131 -8.16 4.88 26.17
C VAL A 131 -7.59 3.49 26.52
N LEU A 132 -6.29 3.27 26.27
CA LEU A 132 -5.62 2.02 26.63
C LEU A 132 -5.71 1.84 28.14
N TYR A 133 -5.02 2.71 28.92
CA TYR A 133 -5.00 2.69 30.39
C TYR A 133 -6.41 2.65 30.94
N GLY A 134 -7.31 3.43 30.34
CA GLY A 134 -8.70 3.51 30.74
C GLY A 134 -9.41 2.19 30.64
N LYS A 135 -9.29 1.49 29.51
CA LYS A 135 -9.91 0.17 29.34
C LYS A 135 -9.34 -0.87 30.33
N ARG A 136 -8.06 -0.73 30.69
CA ARG A 136 -7.36 -1.62 31.60
C ARG A 136 -7.58 -1.32 33.11
N GLY A 137 -8.50 -0.41 33.42
CA GLY A 137 -8.77 -0.04 34.81
C GLY A 137 -7.70 0.83 35.47
N LYS A 138 -6.90 1.53 34.65
CA LYS A 138 -5.84 2.40 35.12
C LYS A 138 -6.23 3.87 34.93
N TYR A 139 -7.46 4.23 35.37
CA TYR A 139 -8.11 5.56 35.29
C TYR A 139 -7.28 6.68 35.90
N LYS A 140 -6.61 6.42 37.05
CA LYS A 140 -5.77 7.44 37.71
C LYS A 140 -4.61 7.87 36.81
N GLU A 141 -4.06 6.94 35.99
CA GLU A 141 -2.96 7.20 35.06
C GLU A 141 -3.45 7.77 33.71
N ALA A 142 -4.61 7.30 33.28
CA ALA A 142 -5.25 7.71 32.05
C ALA A 142 -5.75 9.14 32.09
N GLU A 143 -6.13 9.63 33.28
CA GLU A 143 -6.68 10.97 33.49
C GLU A 143 -5.74 12.12 33.08
N PRO A 144 -4.47 12.24 33.56
CA PRO A 144 -3.63 13.37 33.12
C PRO A 144 -3.38 13.44 31.61
N LEU A 145 -3.37 12.28 30.93
CA LEU A 145 -3.22 12.19 29.48
C LEU A 145 -4.48 12.72 28.80
N CYS A 146 -5.65 12.43 29.36
CA CYS A 146 -6.93 12.92 28.87
C CYS A 146 -7.11 14.42 29.10
N LYS A 147 -6.66 14.92 30.26
CA LYS A 147 -6.72 16.36 30.55
C LYS A 147 -5.77 17.11 29.60
N ARG A 148 -4.56 16.53 29.34
CA ARG A 148 -3.59 17.12 28.42
C ARG A 148 -4.10 17.08 26.99
N ALA A 149 -4.74 15.97 26.57
CA ALA A 149 -5.28 15.86 25.21
C ALA A 149 -6.43 16.84 24.97
N LEU A 150 -7.19 17.22 26.06
CA LEU A 150 -8.32 18.18 26.11
C LEU A 150 -7.78 19.60 26.03
N GLU A 151 -6.74 19.93 26.81
CA GLU A 151 -6.11 21.26 26.75
C GLU A 151 -5.55 21.58 25.33
N ILE A 152 -4.85 20.62 24.66
CA ILE A 152 -4.33 20.81 23.28
C ILE A 152 -5.52 21.06 22.32
N ARG A 153 -6.66 20.37 22.54
CA ARG A 153 -7.85 20.48 21.69
C ARG A 153 -8.51 21.82 21.77
N GLU A 154 -8.55 22.41 22.96
CA GLU A 154 -9.09 23.76 23.18
C GLU A 154 -8.14 24.85 22.63
N LYS A 155 -6.84 24.53 22.47
CA LYS A 155 -5.88 25.45 21.87
C LYS A 155 -6.16 25.50 20.36
N VAL A 156 -6.21 24.32 19.67
CA VAL A 156 -6.38 24.33 18.22
C VAL A 156 -7.86 24.52 17.77
N LEU A 157 -8.85 23.99 18.50
CA LEU A 157 -10.26 24.08 18.06
C LEU A 157 -11.14 25.15 18.76
N GLY A 158 -10.76 25.57 19.97
CA GLY A 158 -11.56 26.50 20.76
C GLY A 158 -12.33 25.77 21.85
N LYS A 159 -12.52 26.41 23.01
CA LYS A 159 -13.20 25.82 24.17
C LYS A 159 -14.65 25.38 23.94
N ASP A 160 -15.26 25.72 22.81
CA ASP A 160 -16.66 25.37 22.56
C ASP A 160 -16.86 24.55 21.28
N HIS A 161 -15.89 23.75 20.88
CA HIS A 161 -15.96 22.95 19.67
C HIS A 161 -16.45 21.50 19.95
N PRO A 162 -17.24 20.88 19.02
CA PRO A 162 -17.72 19.50 19.24
C PRO A 162 -16.71 18.42 19.64
N ASP A 163 -15.49 18.49 19.12
CA ASP A 163 -14.43 17.53 19.44
C ASP A 163 -13.89 17.69 20.86
N VAL A 164 -14.09 18.86 21.48
CA VAL A 164 -13.75 19.14 22.87
C VAL A 164 -14.87 18.53 23.77
N ALA A 165 -16.16 18.55 23.29
CA ALA A 165 -17.32 17.96 23.97
C ALA A 165 -17.19 16.44 24.03
N LYS A 166 -16.62 15.81 22.99
CA LYS A 166 -16.37 14.36 22.97
C LYS A 166 -15.26 13.99 23.95
N GLN A 167 -14.28 14.88 24.12
CA GLN A 167 -13.18 14.72 25.04
C GLN A 167 -13.64 14.91 26.50
N LEU A 168 -14.67 15.74 26.74
CA LEU A 168 -15.22 15.92 28.06
C LEU A 168 -16.09 14.71 28.46
N ASN A 169 -16.67 13.97 27.50
CA ASN A 169 -17.42 12.71 27.74
C ASN A 169 -16.47 11.55 28.08
N ASN A 170 -15.25 11.59 27.50
CA ASN A 170 -14.14 10.67 27.68
C ASN A 170 -13.60 10.88 29.10
N LEU A 171 -13.28 12.12 29.45
CA LEU A 171 -12.68 12.54 30.71
C LEU A 171 -13.68 12.44 31.83
N ALA A 172 -14.99 12.70 31.57
CA ALA A 172 -16.02 12.53 32.61
C ALA A 172 -16.13 11.06 32.96
N LEU A 173 -15.98 10.15 31.97
CA LEU A 173 -15.99 8.72 32.27
C LEU A 173 -14.78 8.28 33.10
N LEU A 174 -13.59 8.80 32.84
CA LEU A 174 -12.39 8.43 33.61
C LEU A 174 -12.52 8.84 35.05
N CYS A 175 -13.08 10.03 35.30
CA CYS A 175 -13.29 10.55 36.66
C CYS A 175 -14.39 9.84 37.38
N GLN A 176 -15.42 9.32 36.65
CA GLN A 176 -16.55 8.60 37.26
C GLN A 176 -16.08 7.29 37.84
N ASN A 177 -15.24 6.58 37.09
CA ASN A 177 -14.61 5.36 37.56
C ASN A 177 -13.71 5.60 38.79
N GLN A 178 -13.43 6.86 39.13
CA GLN A 178 -12.67 7.28 40.30
C GLN A 178 -13.54 7.89 41.42
N GLY A 179 -14.83 8.10 41.15
CA GLY A 179 -15.76 8.66 42.13
C GLY A 179 -15.65 10.16 42.30
N LYS A 180 -15.03 10.86 41.33
CA LYS A 180 -14.91 12.32 41.41
C LYS A 180 -16.12 12.95 40.69
N TYR A 181 -17.35 12.68 41.19
CA TYR A 181 -18.66 13.09 40.66
C TYR A 181 -18.89 14.58 40.42
N GLU A 182 -18.23 15.48 41.19
CA GLU A 182 -18.33 16.94 41.04
C GLU A 182 -17.71 17.37 39.69
N GLU A 183 -16.57 16.77 39.34
CA GLU A 183 -15.86 16.98 38.09
C GLU A 183 -16.66 16.31 36.97
N VAL A 184 -17.11 15.06 37.18
CA VAL A 184 -17.93 14.29 36.23
C VAL A 184 -19.18 15.08 35.79
N GLU A 185 -19.95 15.61 36.76
CA GLU A 185 -21.17 16.39 36.57
C GLU A 185 -20.87 17.62 35.74
N TYR A 186 -19.75 18.30 36.03
CA TYR A 186 -19.32 19.47 35.30
C TYR A 186 -18.90 19.15 33.83
N TYR A 187 -18.02 18.13 33.62
CA TYR A 187 -17.54 17.78 32.29
C TYR A 187 -18.70 17.42 31.36
N TYR A 188 -19.68 16.63 31.87
CA TYR A 188 -20.92 16.24 31.17
C TYR A 188 -21.81 17.43 30.86
N GLN A 189 -22.04 18.32 31.84
CA GLN A 189 -22.86 19.52 31.65
C GLN A 189 -22.21 20.43 30.56
N ARG A 190 -20.87 20.63 30.63
CA ARG A 190 -20.10 21.44 29.67
C ARG A 190 -20.12 20.81 28.29
N ALA A 191 -20.05 19.47 28.19
CA ALA A 191 -20.10 18.75 26.91
C ALA A 191 -21.46 18.91 26.26
N LEU A 192 -22.55 18.86 27.07
CA LEU A 192 -23.95 18.99 26.64
C LEU A 192 -24.29 20.41 26.12
N GLU A 193 -23.69 21.48 26.68
CA GLU A 193 -23.89 22.85 26.21
C GLU A 193 -23.28 22.97 24.81
N ILE A 194 -22.00 22.61 24.66
CA ILE A 194 -21.27 22.59 23.39
C ILE A 194 -22.03 21.77 22.33
N TYR A 195 -22.64 20.64 22.76
CA TYR A 195 -23.37 19.74 21.87
C TYR A 195 -24.68 20.29 21.36
N GLN A 196 -25.50 20.94 22.22
CA GLN A 196 -26.78 21.46 21.78
C GLN A 196 -26.72 22.87 21.18
N THR A 197 -25.59 23.61 21.41
CA THR A 197 -25.41 24.94 20.83
C THR A 197 -24.75 24.86 19.46
N LYS A 198 -23.80 23.94 19.28
CA LYS A 198 -23.11 23.78 18.01
C LYS A 198 -23.77 22.72 17.12
N LEU A 199 -24.52 21.75 17.70
CA LEU A 199 -25.18 20.69 16.92
C LEU A 199 -26.71 20.62 17.04
N GLY A 200 -27.34 21.49 17.82
CA GLY A 200 -28.78 21.47 17.99
C GLY A 200 -29.32 20.42 18.95
N PRO A 201 -30.49 20.71 19.56
CA PRO A 201 -31.07 19.79 20.56
C PRO A 201 -31.53 18.42 20.08
N ASP A 202 -31.38 18.13 18.79
CA ASP A 202 -31.80 16.85 18.24
C ASP A 202 -30.62 16.00 17.77
N ASP A 203 -29.41 16.26 18.26
CA ASP A 203 -28.22 15.50 17.86
C ASP A 203 -28.15 14.15 18.61
N PRO A 204 -27.59 13.09 17.99
CA PRO A 204 -27.48 11.81 18.71
C PRO A 204 -26.53 11.83 19.92
N ASN A 205 -25.56 12.76 19.91
CA ASN A 205 -24.60 12.93 21.00
C ASN A 205 -25.26 13.60 22.20
N VAL A 206 -26.21 14.51 21.94
CA VAL A 206 -26.96 15.22 22.97
C VAL A 206 -27.75 14.20 23.84
N ALA A 207 -28.18 13.06 23.27
CA ALA A 207 -28.90 12.04 24.04
C ALA A 207 -27.98 11.14 24.85
N LYS A 208 -26.80 10.83 24.31
CA LYS A 208 -25.83 9.98 24.98
C LYS A 208 -25.15 10.73 26.12
N THR A 209 -24.89 12.04 25.95
CA THR A 209 -24.29 12.89 27.00
C THR A 209 -25.29 13.03 28.15
N LYS A 210 -26.59 13.23 27.82
CA LYS A 210 -27.71 13.33 28.76
C LYS A 210 -27.88 12.00 29.50
N ASN A 211 -27.69 10.86 28.81
CA ASN A 211 -27.77 9.51 29.36
C ASN A 211 -26.61 9.24 30.30
N ASN A 212 -25.43 9.70 29.93
CA ASN A 212 -24.22 9.53 30.73
C ASN A 212 -24.31 10.41 32.00
N LEU A 213 -24.88 11.63 31.87
CA LEU A 213 -25.06 12.53 33.00
C LEU A 213 -26.12 11.96 33.93
N ALA A 214 -27.27 11.50 33.39
CA ALA A 214 -28.31 10.87 34.21
C ALA A 214 -27.81 9.63 34.95
N SER A 215 -26.72 9.02 34.49
CA SER A 215 -26.12 7.86 35.15
C SER A 215 -25.29 8.29 36.35
N CYS A 216 -24.50 9.39 36.23
CA CYS A 216 -23.74 9.85 37.40
C CYS A 216 -24.69 10.46 38.45
N TYR A 217 -25.82 11.08 38.02
CA TYR A 217 -26.81 11.61 38.94
C TYR A 217 -27.42 10.44 39.73
N LEU A 218 -27.75 9.35 39.04
CA LEU A 218 -28.33 8.13 39.63
C LEU A 218 -27.34 7.53 40.63
N LYS A 219 -26.04 7.46 40.25
CA LYS A 219 -24.91 6.97 41.06
C LYS A 219 -24.82 7.74 42.38
N GLN A 220 -24.98 9.07 42.33
CA GLN A 220 -24.95 9.96 43.50
C GLN A 220 -26.25 9.87 44.33
N GLY A 221 -27.37 9.64 43.66
CA GLY A 221 -28.67 9.58 44.30
C GLY A 221 -29.50 10.82 44.06
N LYS A 222 -29.21 11.53 42.95
CA LYS A 222 -29.91 12.73 42.53
C LYS A 222 -31.03 12.27 41.61
N PHE A 223 -31.88 11.40 42.13
CA PHE A 223 -33.02 10.77 41.48
C PHE A 223 -33.91 11.72 40.72
N LYS A 224 -34.13 12.89 41.28
CA LYS A 224 -34.99 13.89 40.70
C LYS A 224 -34.38 14.44 39.41
N GLN A 225 -33.05 14.69 39.43
CA GLN A 225 -32.27 15.22 38.31
C GLN A 225 -32.08 14.17 37.20
N ALA A 226 -31.84 12.92 37.59
CA ALA A 226 -31.70 11.80 36.67
C ALA A 226 -33.05 11.47 36.04
N GLU A 227 -34.16 11.61 36.79
CA GLU A 227 -35.51 11.32 36.30
C GLU A 227 -35.91 12.30 35.22
N THR A 228 -35.58 13.57 35.39
CA THR A 228 -35.87 14.62 34.42
C THR A 228 -35.12 14.37 33.13
N LEU A 229 -33.84 13.99 33.23
CA LEU A 229 -33.04 13.67 32.05
C LEU A 229 -33.57 12.45 31.30
N TYR A 230 -34.01 11.39 32.00
CA TYR A 230 -34.54 10.21 31.34
C TYR A 230 -35.87 10.45 30.64
N LYS A 231 -36.72 11.32 31.19
CA LYS A 231 -37.98 11.69 30.56
C LYS A 231 -37.72 12.55 29.29
N GLU A 232 -36.63 13.33 29.28
CA GLU A 232 -36.22 14.15 28.15
C GLU A 232 -35.71 13.20 27.04
N ILE A 233 -34.89 12.20 27.40
CA ILE A 233 -34.39 11.23 26.44
C ILE A 233 -35.55 10.40 25.86
N LEU A 234 -36.47 9.92 26.70
CA LEU A 234 -37.63 9.09 26.31
C LEU A 234 -38.59 9.81 25.34
N THR A 235 -38.81 11.11 25.55
CA THR A 235 -39.70 11.91 24.72
C THR A 235 -39.15 12.08 23.30
N ARG A 236 -37.87 12.49 23.18
CA ARG A 236 -37.26 12.71 21.87
C ARG A 236 -37.03 11.40 21.12
N ALA A 237 -36.71 10.31 21.83
CA ALA A 237 -36.47 9.00 21.21
C ALA A 237 -37.74 8.42 20.61
N HIS A 238 -38.88 8.54 21.32
CA HIS A 238 -40.15 8.03 20.81
C HIS A 238 -40.70 8.87 19.66
N GLU A 239 -40.56 10.22 19.70
CA GLU A 239 -41.06 11.06 18.59
C GLU A 239 -40.20 10.88 17.31
N ARG A 240 -38.89 10.58 17.48
CA ARG A 240 -37.98 10.29 16.39
C ARG A 240 -38.30 8.87 15.84
N GLU A 241 -38.12 7.79 16.65
CA GLU A 241 -38.44 6.41 16.25
C GLU A 241 -39.96 6.16 16.05
N PRO A 252 -29.16 5.03 22.92
CA PRO A 252 -30.21 5.63 23.77
C PRO A 252 -31.63 5.32 23.27
N THR A 253 -32.04 4.06 23.46
CA THR A 253 -33.32 3.50 23.00
C THR A 253 -34.52 3.89 23.89
N VAL A 254 -35.76 3.70 23.40
CA VAL A 254 -36.96 3.93 24.20
C VAL A 254 -37.07 2.76 25.16
N THR A 255 -36.93 1.52 24.68
CA THR A 255 -37.00 0.33 25.51
C THR A 255 -35.90 0.38 26.59
N THR A 256 -34.72 0.89 26.23
CA THR A 256 -33.60 1.06 27.14
C THR A 256 -33.95 2.12 28.20
N THR A 257 -34.47 3.31 27.78
CA THR A 257 -34.85 4.41 28.68
C THR A 257 -35.97 4.05 29.62
N LEU A 258 -36.90 3.20 29.16
CA LEU A 258 -38.00 2.70 29.98
C LEU A 258 -37.46 1.70 31.05
N LYS A 259 -36.34 1.01 30.76
CA LYS A 259 -35.66 0.12 31.71
C LYS A 259 -34.97 0.99 32.79
N ASN A 260 -34.33 2.08 32.37
CA ASN A 260 -33.64 3.02 33.26
C ASN A 260 -34.57 3.71 34.22
N LEU A 261 -35.74 4.14 33.74
CA LEU A 261 -36.71 4.81 34.59
C LEU A 261 -37.38 3.82 35.54
N GLY A 262 -37.67 2.60 35.06
CA GLY A 262 -38.23 1.54 35.92
C GLY A 262 -37.25 1.15 37.01
N ALA A 263 -35.95 1.17 36.70
CA ALA A 263 -34.87 0.89 37.66
C ALA A 263 -34.74 2.08 38.65
N LEU A 264 -34.82 3.33 38.16
CA LEU A 264 -34.76 4.56 38.95
C LEU A 264 -35.90 4.60 39.96
N TYR A 265 -37.11 4.25 39.52
CA TYR A 265 -38.29 4.27 40.38
C TYR A 265 -38.26 3.15 41.40
N ARG A 266 -37.65 1.99 41.07
CA ARG A 266 -37.57 0.89 42.03
C ARG A 266 -36.60 1.26 43.15
N ARG A 267 -35.45 1.89 42.81
CA ARG A 267 -34.46 2.33 43.78
C ARG A 267 -35.00 3.47 44.68
N GLN A 268 -35.84 4.35 44.11
CA GLN A 268 -36.46 5.48 44.85
C GLN A 268 -37.43 4.98 45.92
N GLY A 269 -38.12 3.87 45.61
CA GLY A 269 -39.14 3.29 46.46
C GLY A 269 -40.54 3.37 45.85
N LYS A 270 -40.64 3.97 44.64
CA LYS A 270 -41.89 4.12 43.90
C LYS A 270 -42.19 2.78 43.22
N PHE A 271 -42.71 1.81 43.99
CA PHE A 271 -43.01 0.45 43.55
C PHE A 271 -44.04 0.37 42.40
N GLU A 272 -45.20 1.06 42.54
CA GLU A 272 -46.24 1.05 41.52
C GLU A 272 -45.73 1.66 40.23
N ALA A 273 -45.03 2.80 40.35
CA ALA A 273 -44.44 3.53 39.23
C ALA A 273 -43.38 2.72 38.51
N ALA A 274 -42.65 1.85 39.22
CA ALA A 274 -41.62 1.03 38.60
C ALA A 274 -42.23 -0.10 37.77
N GLU A 275 -43.28 -0.77 38.29
CA GLU A 275 -43.96 -1.86 37.59
C GLU A 275 -44.55 -1.43 36.24
N THR A 276 -45.17 -0.23 36.18
CA THR A 276 -45.75 0.36 34.96
C THR A 276 -44.70 0.53 33.86
N LEU A 277 -43.45 0.88 34.24
CA LEU A 277 -42.34 1.09 33.32
C LEU A 277 -41.59 -0.18 32.94
N GLU A 278 -41.54 -1.17 33.83
CA GLU A 278 -40.92 -2.47 33.52
C GLU A 278 -41.87 -3.27 32.58
N GLU A 279 -43.19 -3.13 32.77
CA GLU A 279 -44.20 -3.76 31.90
C GLU A 279 -44.29 -3.03 30.53
N ALA A 280 -43.89 -1.74 30.47
CA ALA A 280 -43.84 -0.94 29.26
C ALA A 280 -42.54 -1.17 28.52
N ALA A 281 -41.43 -1.44 29.25
CA ALA A 281 -40.13 -1.77 28.68
C ALA A 281 -40.19 -3.16 28.03
N MET A 282 -40.97 -4.09 28.64
CA MET A 282 -41.18 -5.44 28.13
C MET A 282 -42.04 -5.37 26.87
N ARG A 283 -43.15 -4.59 26.91
CA ARG A 283 -44.04 -4.40 25.76
C ARG A 283 -43.36 -3.67 24.58
N SER A 284 -42.21 -2.99 24.80
CA SER A 284 -41.48 -2.30 23.74
C SER A 284 -40.32 -3.12 23.17
N ARG A 285 -39.83 -4.14 23.92
CA ARG A 285 -38.81 -5.07 23.45
C ARG A 285 -39.43 -5.86 22.26
N LYS A 286 -40.71 -6.30 22.42
CA LYS A 286 -41.51 -6.97 21.39
C LYS A 286 -41.78 -6.03 20.21
N ILE B 35 9.61 5.62 -7.92
CA ILE B 35 10.30 6.89 -8.17
C ILE B 35 9.59 8.14 -7.52
N PRO B 36 8.23 8.32 -7.49
CA PRO B 36 7.66 9.52 -6.85
C PRO B 36 7.81 9.57 -5.32
N ALA B 37 7.43 10.70 -4.70
CA ALA B 37 7.57 10.84 -3.26
C ALA B 37 6.69 9.87 -2.47
N ARG B 38 5.37 9.84 -2.75
CA ARG B 38 4.40 9.00 -2.07
C ARG B 38 4.57 7.52 -2.33
N LEU B 39 4.94 7.16 -3.55
CA LEU B 39 5.13 5.77 -3.90
C LEU B 39 6.45 5.20 -3.39
N ARG B 40 7.38 6.02 -2.85
CA ARG B 40 8.70 5.55 -2.43
C ARG B 40 8.68 4.39 -1.40
N THR B 41 8.19 4.60 -0.16
CA THR B 41 8.13 3.59 0.91
C THR B 41 7.43 2.30 0.45
N LEU B 42 6.28 2.45 -0.19
CA LEU B 42 5.48 1.35 -0.72
C LEU B 42 6.16 0.59 -1.85
N HIS B 43 6.88 1.30 -2.74
CA HIS B 43 7.60 0.71 -3.88
C HIS B 43 8.59 -0.31 -3.35
N ASN B 44 9.41 0.10 -2.38
CA ASN B 44 10.43 -0.73 -1.74
C ASN B 44 9.82 -1.96 -1.08
N LEU B 45 8.67 -1.80 -0.41
CA LEU B 45 7.99 -2.90 0.28
C LEU B 45 7.43 -3.93 -0.70
N VAL B 46 6.88 -3.47 -1.82
CA VAL B 46 6.37 -4.37 -2.86
C VAL B 46 7.54 -5.15 -3.45
N ILE B 47 8.69 -4.48 -3.65
CA ILE B 47 9.92 -5.05 -4.17
C ILE B 47 10.43 -6.17 -3.25
N GLN B 48 10.47 -5.96 -1.91
CA GLN B 48 10.93 -6.98 -0.98
C GLN B 48 10.01 -8.20 -0.96
N TYR B 49 8.69 -7.97 -0.97
CA TYR B 49 7.70 -9.04 -0.91
C TYR B 49 7.66 -9.86 -2.21
N ALA B 50 7.98 -9.24 -3.35
CA ALA B 50 8.01 -9.91 -4.64
C ALA B 50 9.29 -10.75 -4.77
N SER B 51 10.44 -10.19 -4.34
CA SER B 51 11.72 -10.91 -4.34
C SER B 51 11.82 -12.02 -3.25
N GLN B 52 10.79 -12.14 -2.40
CA GLN B 52 10.71 -13.17 -1.38
C GLN B 52 9.59 -14.21 -1.67
N GLY B 53 8.99 -14.15 -2.87
CA GLY B 53 7.93 -15.05 -3.32
C GLY B 53 6.60 -14.90 -2.61
N ARG B 54 6.41 -13.79 -1.89
CA ARG B 54 5.18 -13.51 -1.14
C ARG B 54 4.23 -12.59 -1.89
N TYR B 55 3.72 -13.11 -3.01
CA TYR B 55 2.75 -12.43 -3.89
C TYR B 55 1.36 -12.23 -3.23
N GLU B 56 1.09 -12.93 -2.11
CA GLU B 56 -0.16 -12.80 -1.39
C GLU B 56 -0.21 -11.53 -0.50
N VAL B 57 0.90 -10.78 -0.43
CA VAL B 57 1.03 -9.51 0.30
C VAL B 57 1.50 -8.40 -0.67
N ALA B 58 2.35 -8.75 -1.68
CA ALA B 58 2.83 -7.82 -2.71
C ALA B 58 1.73 -7.38 -3.67
N VAL B 59 0.91 -8.31 -4.16
CA VAL B 59 -0.22 -8.00 -5.06
C VAL B 59 -1.26 -7.08 -4.36
N PRO B 60 -1.69 -7.34 -3.10
CA PRO B 60 -2.66 -6.44 -2.45
C PRO B 60 -2.10 -5.05 -2.10
N LEU B 61 -0.79 -4.94 -1.85
CA LEU B 61 -0.16 -3.65 -1.59
C LEU B 61 -0.26 -2.76 -2.83
N CYS B 62 -0.22 -3.35 -4.04
CA CYS B 62 -0.32 -2.65 -5.31
C CYS B 62 -1.75 -2.31 -5.64
N LYS B 63 -2.68 -3.26 -5.49
CA LYS B 63 -4.09 -3.01 -5.74
C LYS B 63 -4.62 -1.91 -4.79
N GLN B 64 -4.20 -1.93 -3.52
CA GLN B 64 -4.61 -0.89 -2.57
C GLN B 64 -3.98 0.45 -2.94
N ALA B 65 -2.75 0.44 -3.48
CA ALA B 65 -2.09 1.67 -3.90
C ALA B 65 -2.82 2.28 -5.08
N LEU B 66 -3.25 1.46 -6.02
CA LEU B 66 -4.00 1.93 -7.18
C LEU B 66 -5.37 2.42 -6.76
N GLU B 67 -6.04 1.71 -5.84
CA GLU B 67 -7.36 2.12 -5.35
C GLU B 67 -7.27 3.45 -4.60
N ASP B 68 -6.20 3.65 -3.83
CA ASP B 68 -5.96 4.89 -3.09
C ASP B 68 -5.61 6.06 -4.00
N LEU B 69 -4.68 5.86 -4.96
CA LEU B 69 -4.25 6.89 -5.91
C LEU B 69 -5.40 7.32 -6.82
N GLU B 70 -6.31 6.39 -7.17
CA GLU B 70 -7.49 6.71 -8.00
C GLU B 70 -8.43 7.71 -7.31
N LYS B 71 -8.45 7.72 -5.97
CA LYS B 71 -9.28 8.63 -5.20
C LYS B 71 -8.59 10.00 -5.08
N THR B 72 -7.26 10.00 -4.86
CA THR B 72 -6.47 11.20 -4.66
C THR B 72 -6.22 11.99 -5.95
N SER B 73 -5.89 11.28 -7.03
CA SER B 73 -5.46 11.91 -8.25
C SER B 73 -6.24 11.52 -9.51
N GLY B 74 -6.90 10.36 -9.48
CA GLY B 74 -7.68 9.86 -10.61
C GLY B 74 -6.91 8.89 -11.50
N HIS B 75 -7.59 8.28 -12.48
CA HIS B 75 -6.94 7.32 -13.37
C HIS B 75 -5.83 7.91 -14.23
N ASP B 76 -6.10 9.02 -14.97
CA ASP B 76 -5.10 9.64 -15.85
C ASP B 76 -4.02 10.41 -15.07
N HIS B 77 -3.12 9.67 -14.39
CA HIS B 77 -2.04 10.21 -13.58
C HIS B 77 -0.75 9.36 -13.62
N PRO B 78 0.42 10.01 -13.71
CA PRO B 78 1.70 9.28 -13.76
C PRO B 78 1.96 8.27 -12.64
N ASP B 79 1.44 8.53 -11.43
CA ASP B 79 1.61 7.61 -10.31
C ASP B 79 0.76 6.35 -10.49
N VAL B 80 -0.39 6.48 -11.16
CA VAL B 80 -1.27 5.35 -11.44
C VAL B 80 -0.60 4.45 -12.47
N ALA B 81 0.06 5.02 -13.48
CA ALA B 81 0.80 4.27 -14.50
C ALA B 81 1.99 3.51 -13.89
N THR B 82 2.70 4.16 -12.95
CA THR B 82 3.84 3.56 -12.24
C THR B 82 3.43 2.32 -11.44
N MET B 83 2.27 2.40 -10.72
CA MET B 83 1.73 1.30 -9.95
C MET B 83 1.14 0.19 -10.80
N LEU B 84 0.53 0.55 -11.92
CA LEU B 84 -0.04 -0.45 -12.83
C LEU B 84 1.12 -1.27 -13.44
N ASN B 85 2.25 -0.62 -13.77
CA ASN B 85 3.40 -1.26 -14.41
C ASN B 85 4.23 -2.07 -13.37
N ILE B 86 4.17 -1.72 -12.05
CA ILE B 86 4.87 -2.53 -11.04
C ILE B 86 4.02 -3.76 -10.73
N LEU B 87 2.69 -3.62 -10.64
CA LEU B 87 1.80 -4.77 -10.44
C LEU B 87 1.89 -5.71 -11.66
N ALA B 88 2.13 -5.17 -12.87
CA ALA B 88 2.34 -5.95 -14.09
C ALA B 88 3.63 -6.74 -13.99
N LEU B 89 4.73 -6.14 -13.49
CA LEU B 89 5.99 -6.83 -13.28
C LEU B 89 5.87 -7.94 -12.19
N VAL B 90 4.93 -7.77 -11.24
CA VAL B 90 4.61 -8.72 -10.16
C VAL B 90 3.80 -9.90 -10.76
N TYR B 91 2.85 -9.59 -11.66
CA TYR B 91 2.04 -10.58 -12.37
C TYR B 91 2.83 -11.32 -13.46
N ARG B 92 3.91 -10.69 -13.98
CA ARG B 92 4.84 -11.27 -14.94
C ARG B 92 5.64 -12.35 -14.22
N ASP B 93 6.06 -12.08 -12.95
CA ASP B 93 6.78 -13.04 -12.09
C ASP B 93 5.88 -14.22 -11.63
N GLN B 94 4.55 -14.04 -11.68
CA GLN B 94 3.55 -15.07 -11.42
C GLN B 94 3.18 -15.83 -12.74
N ASN B 95 3.90 -15.56 -13.88
CA ASN B 95 3.66 -16.08 -15.23
C ASN B 95 2.25 -15.79 -15.77
N LYS B 96 1.52 -14.83 -15.13
CA LYS B 96 0.17 -14.40 -15.50
C LYS B 96 0.30 -13.30 -16.55
N TYR B 97 0.92 -13.67 -17.69
CA TYR B 97 1.19 -12.79 -18.83
C TYR B 97 -0.07 -12.18 -19.41
N LYS B 98 -1.20 -12.91 -19.34
CA LYS B 98 -2.49 -12.44 -19.81
C LYS B 98 -2.91 -11.22 -19.00
N ASP B 99 -2.69 -11.26 -17.66
CA ASP B 99 -3.06 -10.18 -16.74
C ASP B 99 -2.13 -8.99 -16.74
N ALA B 100 -0.85 -9.22 -16.98
CA ALA B 100 0.13 -8.12 -17.03
C ALA B 100 -0.03 -7.28 -18.32
N ALA B 101 -0.55 -7.89 -19.41
CA ALA B 101 -0.78 -7.22 -20.67
C ALA B 101 -1.86 -6.16 -20.51
N ASN B 102 -2.92 -6.45 -19.71
CA ASN B 102 -4.02 -5.50 -19.43
C ASN B 102 -3.51 -4.29 -18.66
N LEU B 103 -2.54 -4.51 -17.76
CA LEU B 103 -1.98 -3.44 -16.95
C LEU B 103 -1.06 -2.56 -17.77
N LEU B 104 -0.23 -3.14 -18.64
CA LEU B 104 0.68 -2.35 -19.46
C LEU B 104 -0.04 -1.61 -20.60
N ASN B 105 -1.19 -2.13 -21.06
CA ASN B 105 -2.04 -1.45 -22.07
C ASN B 105 -2.71 -0.21 -21.40
N ASP B 106 -3.02 -0.30 -20.08
CA ASP B 106 -3.62 0.72 -19.22
C ASP B 106 -2.58 1.81 -18.86
N ALA B 107 -1.39 1.40 -18.39
CA ALA B 107 -0.31 2.31 -18.04
C ALA B 107 0.22 3.05 -19.26
N LEU B 108 0.22 2.40 -20.44
CA LEU B 108 0.67 2.99 -21.71
C LEU B 108 -0.23 4.14 -22.11
N ALA B 109 -1.56 3.94 -22.00
CA ALA B 109 -2.58 4.94 -22.31
C ALA B 109 -2.48 6.14 -21.39
N ILE B 110 -2.19 5.89 -20.10
CA ILE B 110 -2.02 6.92 -19.08
C ILE B 110 -0.75 7.72 -19.35
N ARG B 111 0.33 7.03 -19.75
CA ARG B 111 1.59 7.69 -20.06
C ARG B 111 1.48 8.51 -21.34
N GLU B 112 0.72 8.02 -22.34
CA GLU B 112 0.49 8.73 -23.59
C GLU B 112 -0.44 9.94 -23.40
N LYS B 113 -1.35 9.87 -22.40
CA LYS B 113 -2.30 10.93 -22.05
C LYS B 113 -1.73 11.94 -21.04
N THR B 114 -0.65 11.59 -20.33
CA THR B 114 -0.03 12.51 -19.36
C THR B 114 1.36 12.99 -19.83
N LEU B 115 2.32 12.05 -19.99
CA LEU B 115 3.68 12.34 -20.41
C LEU B 115 3.84 12.60 -21.92
N GLY B 116 2.90 12.13 -22.72
CA GLY B 116 2.95 12.33 -24.17
C GLY B 116 3.19 11.05 -24.97
N LYS B 117 3.22 11.13 -26.30
CA LYS B 117 3.41 9.95 -27.13
C LYS B 117 4.87 9.61 -27.50
N ASP B 118 5.79 10.56 -27.31
CA ASP B 118 7.21 10.33 -27.62
C ASP B 118 8.08 10.31 -26.35
N HIS B 119 7.49 10.01 -25.20
CA HIS B 119 8.21 10.04 -23.93
C HIS B 119 8.99 8.74 -23.69
N PRO B 120 10.22 8.81 -23.12
CA PRO B 120 11.00 7.58 -22.87
C PRO B 120 10.33 6.51 -22.01
N ALA B 121 9.49 6.95 -21.06
CA ALA B 121 8.73 6.02 -20.21
C ALA B 121 7.71 5.23 -21.05
N VAL B 122 7.19 5.83 -22.13
CA VAL B 122 6.24 5.21 -23.05
C VAL B 122 6.96 4.19 -23.93
N ALA B 123 8.21 4.46 -24.33
CA ALA B 123 9.02 3.52 -25.10
C ALA B 123 9.37 2.29 -24.24
N ALA B 124 9.42 2.43 -22.91
CA ALA B 124 9.70 1.31 -22.02
C ALA B 124 8.43 0.54 -21.78
N THR B 125 7.28 1.21 -21.57
CA THR B 125 6.01 0.51 -21.38
C THR B 125 5.62 -0.21 -22.68
N LEU B 126 5.96 0.37 -23.85
CA LEU B 126 5.75 -0.25 -25.17
C LEU B 126 6.80 -1.35 -25.46
N ASN B 127 7.86 -1.47 -24.65
CA ASN B 127 8.89 -2.49 -24.77
C ASN B 127 8.53 -3.68 -23.89
N ASN B 128 8.01 -3.44 -22.67
CA ASN B 128 7.60 -4.49 -21.75
C ASN B 128 6.34 -5.19 -22.29
N LEU B 129 5.43 -4.44 -22.93
CA LEU B 129 4.21 -4.99 -23.53
C LEU B 129 4.56 -5.85 -24.73
N ALA B 130 5.57 -5.44 -25.53
CA ALA B 130 6.06 -6.21 -26.67
C ALA B 130 6.73 -7.51 -26.18
N VAL B 131 7.38 -7.47 -25.01
CA VAL B 131 7.99 -8.65 -24.42
C VAL B 131 6.86 -9.58 -23.95
N LEU B 132 5.85 -9.02 -23.27
CA LEU B 132 4.67 -9.74 -22.76
C LEU B 132 3.94 -10.45 -23.89
N TYR B 133 3.71 -9.76 -25.01
CA TYR B 133 3.03 -10.32 -26.18
C TYR B 133 3.87 -11.44 -26.79
N GLY B 134 5.20 -11.28 -26.82
CA GLY B 134 6.12 -12.29 -27.31
C GLY B 134 6.11 -13.54 -26.46
N LYS B 135 5.94 -13.40 -25.13
CA LYS B 135 5.86 -14.54 -24.23
C LYS B 135 4.58 -15.37 -24.43
N ARG B 136 3.54 -14.77 -25.04
CA ARG B 136 2.28 -15.44 -25.36
C ARG B 136 2.16 -15.87 -26.85
N GLY B 137 3.25 -15.78 -27.61
CA GLY B 137 3.28 -16.12 -29.03
C GLY B 137 2.56 -15.12 -29.92
N LYS B 138 2.36 -13.88 -29.44
CA LYS B 138 1.69 -12.84 -30.21
C LYS B 138 2.76 -11.95 -30.84
N TYR B 139 3.78 -12.57 -31.48
CA TYR B 139 4.94 -11.95 -32.13
C TYR B 139 4.56 -10.89 -33.17
N LYS B 140 3.60 -11.20 -34.05
CA LYS B 140 3.17 -10.27 -35.11
C LYS B 140 2.48 -9.03 -34.55
N GLU B 141 1.89 -9.14 -33.34
CA GLU B 141 1.19 -8.07 -32.61
C GLU B 141 2.15 -7.27 -31.66
N ALA B 142 3.34 -7.80 -31.39
CA ALA B 142 4.37 -7.20 -30.55
C ALA B 142 5.40 -6.41 -31.37
N GLU B 143 5.70 -6.90 -32.59
CA GLU B 143 6.63 -6.28 -33.54
C GLU B 143 6.37 -4.76 -33.74
N PRO B 144 5.11 -4.30 -33.97
CA PRO B 144 4.89 -2.84 -34.13
C PRO B 144 5.05 -2.00 -32.85
N LEU B 145 4.87 -2.58 -31.67
CA LEU B 145 5.05 -1.83 -30.41
C LEU B 145 6.55 -1.58 -30.21
N CYS B 146 7.36 -2.62 -30.45
CA CYS B 146 8.81 -2.65 -30.37
C CYS B 146 9.42 -1.72 -31.44
N LYS B 147 8.80 -1.65 -32.64
CA LYS B 147 9.27 -0.78 -33.70
C LYS B 147 9.12 0.68 -33.25
N ARG B 148 7.97 1.05 -32.65
CA ARG B 148 7.71 2.41 -32.14
C ARG B 148 8.63 2.76 -30.94
N ALA B 149 8.93 1.74 -30.09
CA ALA B 149 9.84 1.87 -28.95
C ALA B 149 11.26 2.22 -29.47
N LEU B 150 11.68 1.57 -30.57
CA LEU B 150 12.94 1.83 -31.23
C LEU B 150 12.92 3.25 -31.80
N GLU B 151 11.82 3.64 -32.47
CA GLU B 151 11.71 4.98 -33.05
C GLU B 151 11.83 6.08 -31.98
N ILE B 152 11.25 5.87 -30.79
CA ILE B 152 11.35 6.84 -29.70
C ILE B 152 12.79 6.92 -29.18
N ARG B 153 13.39 5.76 -28.87
CA ARG B 153 14.78 5.68 -28.39
C ARG B 153 15.81 6.21 -29.42
N GLU B 154 15.44 6.22 -30.71
CA GLU B 154 16.31 6.71 -31.77
C GLU B 154 16.37 8.25 -31.75
N LYS B 155 15.25 8.91 -31.45
CA LYS B 155 15.25 10.38 -31.37
C LYS B 155 15.75 10.90 -30.00
N VAL B 156 15.92 10.02 -29.00
CA VAL B 156 16.42 10.38 -27.67
C VAL B 156 17.90 9.96 -27.45
N LEU B 157 18.45 9.06 -28.30
CA LEU B 157 19.84 8.59 -28.14
C LEU B 157 20.68 8.62 -29.44
N GLY B 158 20.06 8.37 -30.57
CA GLY B 158 20.75 8.32 -31.86
C GLY B 158 20.53 6.99 -32.54
N LYS B 159 20.54 6.97 -33.89
CA LYS B 159 20.34 5.77 -34.68
C LYS B 159 21.36 4.69 -34.35
N ASP B 160 22.63 5.08 -34.11
CA ASP B 160 23.73 4.17 -33.80
C ASP B 160 24.24 4.29 -32.34
N HIS B 161 23.34 4.25 -31.36
CA HIS B 161 23.71 4.34 -29.95
C HIS B 161 23.61 2.93 -29.31
N PRO B 162 24.53 2.58 -28.40
CA PRO B 162 24.50 1.23 -27.76
C PRO B 162 23.18 0.73 -27.15
N ASP B 163 22.32 1.63 -26.64
CA ASP B 163 21.02 1.20 -26.09
C ASP B 163 19.99 0.89 -27.21
N VAL B 164 20.19 1.47 -28.42
CA VAL B 164 19.37 1.22 -29.60
C VAL B 164 19.65 -0.21 -30.10
N ALA B 165 20.91 -0.69 -30.00
CA ALA B 165 21.31 -2.04 -30.40
C ALA B 165 20.63 -3.09 -29.52
N LYS B 166 20.41 -2.79 -28.23
CA LYS B 166 19.70 -3.71 -27.33
C LYS B 166 18.22 -3.86 -27.75
N GLN B 167 17.63 -2.78 -28.30
CA GLN B 167 16.27 -2.75 -28.83
C GLN B 167 16.21 -3.53 -30.14
N LEU B 168 17.26 -3.40 -30.99
CA LEU B 168 17.39 -4.09 -32.26
C LEU B 168 17.48 -5.60 -32.07
N ASN B 169 18.12 -6.04 -30.98
CA ASN B 169 18.22 -7.47 -30.68
C ASN B 169 16.83 -8.04 -30.36
N ASN B 170 16.02 -7.27 -29.61
CA ASN B 170 14.64 -7.60 -29.22
C ASN B 170 13.74 -7.75 -30.46
N LEU B 171 13.79 -6.79 -31.37
CA LEU B 171 12.98 -6.82 -32.59
C LEU B 171 13.45 -7.89 -33.54
N ALA B 172 14.74 -8.24 -33.53
CA ALA B 172 15.25 -9.31 -34.38
C ALA B 172 14.66 -10.65 -33.94
N LEU B 173 14.69 -10.97 -32.63
CA LEU B 173 14.13 -12.22 -32.14
C LEU B 173 12.61 -12.31 -32.34
N LEU B 174 11.91 -11.18 -32.30
CA LEU B 174 10.47 -11.14 -32.54
C LEU B 174 10.19 -11.48 -34.02
N CYS B 175 11.08 -11.06 -34.95
CA CYS B 175 11.01 -11.33 -36.40
C CYS B 175 11.36 -12.81 -36.70
N GLN B 176 12.30 -13.38 -35.92
CA GLN B 176 12.75 -14.77 -36.06
C GLN B 176 11.66 -15.76 -35.73
N ASN B 177 10.84 -15.43 -34.74
CA ASN B 177 9.71 -16.26 -34.35
C ASN B 177 8.53 -16.17 -35.37
N GLN B 178 8.77 -15.63 -36.57
CA GLN B 178 7.74 -15.51 -37.61
C GLN B 178 8.21 -15.98 -39.01
N GLY B 179 9.47 -16.37 -39.15
CA GLY B 179 10.01 -16.80 -40.44
C GLY B 179 10.68 -15.69 -41.23
N LYS B 180 10.57 -14.43 -40.75
CA LYS B 180 11.17 -13.25 -41.35
C LYS B 180 12.68 -13.24 -41.10
N TYR B 181 13.43 -14.13 -41.76
CA TYR B 181 14.88 -14.23 -41.60
C TYR B 181 15.65 -13.09 -42.31
N GLU B 182 15.03 -12.48 -43.33
CA GLU B 182 15.62 -11.37 -44.05
C GLU B 182 15.68 -10.17 -43.09
N GLU B 183 14.59 -9.93 -42.34
CA GLU B 183 14.50 -8.84 -41.36
C GLU B 183 15.41 -9.09 -40.16
N VAL B 184 15.55 -10.34 -39.72
CA VAL B 184 16.45 -10.71 -38.63
C VAL B 184 17.91 -10.42 -39.04
N GLU B 185 18.27 -10.71 -40.30
CA GLU B 185 19.60 -10.49 -40.86
C GLU B 185 19.97 -8.99 -40.77
N TYR B 186 19.01 -8.10 -41.14
CA TYR B 186 19.19 -6.66 -41.09
C TYR B 186 19.41 -6.19 -39.66
N TYR B 187 18.51 -6.58 -38.75
CA TYR B 187 18.50 -6.20 -37.33
C TYR B 187 19.75 -6.60 -36.57
N TYR B 188 20.26 -7.84 -36.78
CA TYR B 188 21.51 -8.25 -36.13
C TYR B 188 22.71 -7.60 -36.82
N GLN B 189 22.63 -7.30 -38.13
CA GLN B 189 23.72 -6.60 -38.81
C GLN B 189 23.80 -5.14 -38.29
N ARG B 190 22.66 -4.50 -37.98
CA ARG B 190 22.64 -3.15 -37.43
C ARG B 190 23.04 -3.11 -35.96
N ALA B 191 22.74 -4.17 -35.21
CA ALA B 191 23.13 -4.25 -33.82
C ALA B 191 24.64 -4.49 -33.76
N LEU B 192 25.19 -5.36 -34.66
CA LEU B 192 26.62 -5.67 -34.72
C LEU B 192 27.49 -4.48 -35.19
N GLU B 193 26.92 -3.55 -35.96
CA GLU B 193 27.66 -2.37 -36.39
C GLU B 193 27.76 -1.42 -35.18
N ILE B 194 26.63 -1.16 -34.49
CA ILE B 194 26.59 -0.32 -33.29
C ILE B 194 27.51 -0.89 -32.21
N TYR B 195 27.35 -2.17 -31.85
CA TYR B 195 28.15 -2.87 -30.84
C TYR B 195 29.66 -2.88 -31.16
N GLN B 196 30.07 -2.83 -32.47
CA GLN B 196 31.48 -2.87 -32.90
C GLN B 196 32.11 -1.49 -33.16
N THR B 197 31.35 -0.40 -32.99
CA THR B 197 31.86 0.94 -33.22
C THR B 197 31.53 1.87 -32.04
N LYS B 198 30.25 1.93 -31.65
CA LYS B 198 29.81 2.72 -30.50
C LYS B 198 30.05 1.96 -29.14
N LEU B 199 30.92 0.94 -29.16
CA LEU B 199 31.35 0.08 -28.06
C LEU B 199 32.52 -0.77 -28.61
N GLY B 200 33.44 -1.16 -27.74
CA GLY B 200 34.62 -1.91 -28.13
C GLY B 200 34.45 -3.05 -29.12
N PRO B 201 35.51 -3.34 -29.92
CA PRO B 201 35.40 -4.48 -30.85
C PRO B 201 35.57 -5.87 -30.22
N ASP B 202 35.89 -5.91 -28.91
CA ASP B 202 36.03 -7.14 -28.11
C ASP B 202 35.08 -7.08 -26.90
N ASP B 203 33.87 -6.51 -27.08
CA ASP B 203 32.84 -6.40 -26.05
C ASP B 203 32.05 -7.73 -25.96
N PRO B 204 31.34 -7.99 -24.84
CA PRO B 204 30.57 -9.25 -24.75
C PRO B 204 29.47 -9.38 -25.80
N ASN B 205 28.89 -8.24 -26.21
CA ASN B 205 27.81 -8.13 -27.19
C ASN B 205 28.29 -8.35 -28.65
N VAL B 206 29.62 -8.30 -28.89
CA VAL B 206 30.23 -8.52 -30.18
C VAL B 206 30.13 -10.00 -30.56
N ALA B 207 30.48 -10.90 -29.63
CA ALA B 207 30.45 -12.34 -29.84
C ALA B 207 29.01 -12.86 -29.83
N LYS B 208 28.17 -12.33 -28.93
CA LYS B 208 26.77 -12.74 -28.78
C LYS B 208 25.98 -12.42 -30.04
N THR B 209 26.20 -11.23 -30.63
CA THR B 209 25.51 -10.80 -31.85
C THR B 209 26.01 -11.60 -33.04
N LYS B 210 27.35 -11.81 -33.12
CA LYS B 210 27.96 -12.61 -34.17
C LYS B 210 27.44 -14.07 -34.12
N ASN B 211 27.11 -14.59 -32.93
CA ASN B 211 26.57 -15.92 -32.75
C ASN B 211 25.07 -15.97 -33.13
N ASN B 212 24.29 -14.95 -32.78
CA ASN B 212 22.85 -14.87 -33.09
C ASN B 212 22.61 -14.74 -34.58
N LEU B 213 23.48 -13.96 -35.26
CA LEU B 213 23.41 -13.74 -36.70
C LEU B 213 23.82 -15.00 -37.45
N ALA B 214 24.82 -15.76 -36.94
CA ALA B 214 25.25 -17.02 -37.55
C ALA B 214 24.18 -18.10 -37.43
N SER B 215 23.36 -18.05 -36.37
CA SER B 215 22.25 -18.97 -36.18
C SER B 215 21.12 -18.64 -37.18
N CYS B 216 20.95 -17.36 -37.55
CA CYS B 216 19.97 -16.97 -38.55
C CYS B 216 20.45 -17.40 -39.94
N TYR B 217 21.78 -17.33 -40.18
CA TYR B 217 22.38 -17.77 -41.44
C TYR B 217 22.15 -19.28 -41.60
N LEU B 218 22.14 -20.08 -40.50
CA LEU B 218 21.84 -21.51 -40.54
C LEU B 218 20.37 -21.78 -40.88
N LYS B 219 19.42 -21.06 -40.24
CA LYS B 219 17.99 -21.22 -40.52
C LYS B 219 17.69 -20.85 -41.99
N GLN B 220 18.31 -19.75 -42.48
CA GLN B 220 18.17 -19.28 -43.87
C GLN B 220 18.82 -20.28 -44.85
N GLY B 221 19.91 -20.91 -44.44
CA GLY B 221 20.61 -21.91 -45.25
C GLY B 221 22.11 -21.74 -45.38
N LYS B 222 22.58 -20.46 -45.41
CA LYS B 222 24.00 -20.06 -45.55
C LYS B 222 24.96 -20.75 -44.55
N PHE B 223 25.51 -21.91 -44.90
CA PHE B 223 26.41 -22.63 -44.01
C PHE B 223 27.84 -22.05 -44.03
N LYS B 224 28.26 -21.47 -45.16
CA LYS B 224 29.58 -20.86 -45.29
C LYS B 224 29.65 -19.57 -44.49
N GLN B 225 28.58 -18.77 -44.51
CA GLN B 225 28.47 -17.51 -43.77
C GLN B 225 28.41 -17.76 -42.26
N ALA B 226 27.83 -18.88 -41.83
CA ALA B 226 27.74 -19.23 -40.42
C ALA B 226 29.09 -19.74 -39.90
N GLU B 227 29.79 -20.59 -40.68
CA GLU B 227 31.11 -21.09 -40.29
C GLU B 227 32.13 -19.94 -40.19
N THR B 228 31.99 -18.91 -41.07
CA THR B 228 32.83 -17.72 -41.14
C THR B 228 32.64 -16.90 -39.86
N LEU B 229 31.40 -16.75 -39.41
CA LEU B 229 31.09 -16.03 -38.19
C LEU B 229 31.56 -16.81 -36.98
N TYR B 230 31.24 -18.13 -36.92
CA TYR B 230 31.63 -19.02 -35.82
C TYR B 230 33.13 -19.11 -35.59
N LYS B 231 33.91 -19.11 -36.69
CA LYS B 231 35.38 -19.16 -36.62
C LYS B 231 35.99 -17.82 -36.19
N GLU B 232 35.30 -16.70 -36.48
CA GLU B 232 35.74 -15.38 -36.07
C GLU B 232 35.62 -15.23 -34.55
N ILE B 233 34.57 -15.84 -33.94
CA ILE B 233 34.32 -15.87 -32.51
C ILE B 233 35.44 -16.65 -31.80
N LEU B 234 35.76 -17.85 -32.29
CA LEU B 234 36.81 -18.68 -31.70
C LEU B 234 38.23 -18.13 -31.90
N THR B 235 38.41 -17.25 -32.90
CA THR B 235 39.71 -16.62 -33.15
C THR B 235 40.05 -15.60 -32.00
N ARG B 236 39.04 -15.17 -31.20
CA ARG B 236 39.23 -14.30 -30.04
C ARG B 236 39.88 -15.10 -28.91
N ALA B 237 41.22 -15.22 -28.97
CA ALA B 237 42.09 -15.96 -28.05
C ALA B 237 43.48 -15.31 -28.06
N THR B 255 32.67 -22.25 -23.79
CA THR B 255 32.86 -22.50 -25.22
C THR B 255 31.54 -22.76 -25.95
N THR B 256 30.52 -21.89 -25.75
CA THR B 256 29.17 -21.99 -26.36
C THR B 256 29.18 -22.06 -27.90
N THR B 257 30.18 -21.44 -28.54
CA THR B 257 30.31 -21.48 -30.00
C THR B 257 31.15 -22.68 -30.46
N LEU B 258 31.99 -23.26 -29.57
CA LEU B 258 32.82 -24.43 -29.87
C LEU B 258 31.99 -25.70 -30.12
N LYS B 259 30.77 -25.77 -29.56
CA LYS B 259 29.88 -26.92 -29.80
C LYS B 259 28.84 -26.59 -30.90
N ASN B 260 28.55 -25.28 -31.13
CA ASN B 260 27.61 -24.77 -32.13
C ASN B 260 28.12 -25.01 -33.55
N LEU B 261 29.43 -24.83 -33.75
CA LEU B 261 30.09 -25.05 -35.04
C LEU B 261 30.17 -26.54 -35.35
N GLY B 262 30.34 -27.37 -34.33
CA GLY B 262 30.35 -28.83 -34.49
C GLY B 262 29.00 -29.38 -34.92
N ALA B 263 27.91 -28.71 -34.51
CA ALA B 263 26.56 -29.10 -34.92
C ALA B 263 26.29 -28.72 -36.39
N LEU B 264 26.99 -27.68 -36.92
CA LEU B 264 26.92 -27.23 -38.31
C LEU B 264 27.64 -28.25 -39.19
N TYR B 265 28.80 -28.77 -38.75
CA TYR B 265 29.53 -29.80 -39.50
C TYR B 265 28.79 -31.14 -39.47
N ARG B 266 28.11 -31.45 -38.36
CA ARG B 266 27.28 -32.64 -38.21
C ARG B 266 26.06 -32.52 -39.13
N ARG B 267 25.48 -31.31 -39.25
CA ARG B 267 24.34 -31.04 -40.15
C ARG B 267 24.76 -31.10 -41.61
N GLN B 268 25.98 -30.65 -41.89
CA GLN B 268 26.61 -30.63 -43.20
C GLN B 268 27.00 -32.00 -43.70
N GLY B 269 27.22 -32.95 -42.79
CA GLY B 269 27.68 -34.29 -43.18
C GLY B 269 29.18 -34.47 -43.13
N LYS B 270 29.89 -33.48 -42.54
CA LYS B 270 31.32 -33.48 -42.33
C LYS B 270 31.48 -34.02 -40.91
N PHE B 271 31.18 -35.32 -40.74
CA PHE B 271 31.20 -36.00 -39.45
C PHE B 271 32.60 -36.15 -38.85
N GLU B 272 33.65 -36.24 -39.69
CA GLU B 272 35.03 -36.35 -39.20
C GLU B 272 35.44 -35.06 -38.48
N ALA B 273 35.09 -33.91 -39.06
CA ALA B 273 35.37 -32.60 -38.48
C ALA B 273 34.46 -32.33 -37.27
N ALA B 274 33.23 -32.83 -37.30
CA ALA B 274 32.29 -32.68 -36.20
C ALA B 274 32.72 -33.56 -35.03
N GLU B 275 33.24 -34.77 -35.29
CA GLU B 275 33.74 -35.66 -34.24
C GLU B 275 34.96 -35.04 -33.56
N THR B 276 35.82 -34.36 -34.36
CA THR B 276 37.00 -33.67 -33.84
C THR B 276 36.59 -32.42 -33.02
N LEU B 277 35.68 -31.58 -33.54
CA LEU B 277 35.22 -30.38 -32.85
C LEU B 277 34.34 -30.66 -31.62
N GLU B 278 33.72 -31.84 -31.56
CA GLU B 278 32.91 -32.23 -30.40
C GLU B 278 33.84 -32.69 -29.27
N GLU B 279 34.88 -33.49 -29.61
CA GLU B 279 35.91 -34.00 -28.69
C GLU B 279 36.78 -32.87 -28.13
N ALA B 280 36.96 -31.79 -28.90
CA ALA B 280 37.74 -30.62 -28.48
C ALA B 280 36.92 -29.75 -27.55
N ALA B 281 35.60 -29.61 -27.82
CA ALA B 281 34.70 -28.83 -26.97
C ALA B 281 34.46 -29.54 -25.62
N MET B 282 34.54 -30.88 -25.59
CA MET B 282 34.38 -31.68 -24.37
C MET B 282 35.67 -31.64 -23.52
N ARG B 283 36.86 -31.52 -24.17
CA ARG B 283 38.16 -31.44 -23.49
C ARG B 283 38.57 -30.00 -23.11
N SER B 284 37.73 -28.97 -23.44
CA SER B 284 37.98 -27.55 -23.12
C SER B 284 37.07 -27.08 -21.98
N ARG B 285 35.76 -27.35 -22.08
CA ARG B 285 34.81 -27.01 -21.03
C ARG B 285 35.17 -27.75 -19.71
N LYS B 286 35.84 -28.93 -19.82
CA LYS B 286 36.31 -29.73 -18.70
C LYS B 286 37.46 -28.99 -18.03
#